data_6RJ5
#
_entry.id   6RJ5
#
_cell.length_a   43.200
_cell.length_b   110.932
_cell.length_c   66.057
_cell.angle_alpha   90.000
_cell.angle_beta   91.650
_cell.angle_gamma   90.000
#
_symmetry.space_group_name_H-M   'P 1 21 1'
#
loop_
_entity.id
_entity.type
_entity.pdbx_description
1 polymer 'D-3-phosphoglycerate dehydrogenase'
2 non-polymer 'SULFATE ION'
3 non-polymer 2-methyl-~{N}-[(1~{R})-1-[4-(methylsulfonylcarbamoyl)phenyl]ethyl]-5-phenyl-pyrazole-3-carboxamide
4 water water
#
_entity_poly.entity_id   1
_entity_poly.type   'polypeptide(L)'
_entity_poly.pdbx_seq_one_letter_code
;SMANLRKVLISDSLDPCCRKILQDGGLQVVEKQNLSKEELIAELQDCEGLIVRSATKVTADVINAAEKLQVVGRAGTGVD
NVDLEAATRKGILVMNTPNGNSLSAAELTCGMIMCLARQIPQATASMKDGKWERKKFMGTELNGKTLGILGLGRIGREVA
TRMQSFGMKTIGYDPIISPEVSASFGVQQLPLEEIWPLCDFITVHTPLLPSTTGLLNDNTFAQCKKGVRVVNCARGGIVD
EGALLRALQSGQCAGAALDVFTEEPPRDRALVDHENVISCPHLGASTKEAQSRCGEEIAVQFVDMVKGKSLTGV
;
_entity_poly.pdbx_strand_id   A,B
#
loop_
_chem_comp.id
_chem_comp.type
_chem_comp.name
_chem_comp.formula
K5N non-polymer 2-methyl-~{N}-[(1~{R})-1-[4-(methylsulfonylcarbamoyl)phenyl]ethyl]-5-phenyl-pyrazole-3-carboxamide 'C21 H22 N4 O4 S'
SO4 non-polymer 'SULFATE ION' 'O4 S -2'
#
# COMPACT_ATOMS: atom_id res chain seq x y z
N LEU A 5 -33.15 25.03 10.79
CA LEU A 5 -34.58 25.09 10.47
C LEU A 5 -34.93 26.03 9.31
N ARG A 6 -34.21 27.18 9.15
CA ARG A 6 -34.51 28.13 8.08
C ARG A 6 -33.29 28.72 7.35
N LYS A 7 -32.33 29.31 8.11
CA LYS A 7 -31.12 29.94 7.54
C LYS A 7 -29.82 29.28 8.06
N VAL A 8 -28.86 29.04 7.14
CA VAL A 8 -27.58 28.38 7.46
C VAL A 8 -26.38 29.19 6.95
N LEU A 9 -25.32 29.28 7.76
CA LEU A 9 -24.08 29.94 7.34
C LEU A 9 -22.98 28.90 7.12
N ILE A 10 -22.40 28.87 5.91
CA ILE A 10 -21.24 28.02 5.59
C ILE A 10 -20.06 28.99 5.80
N SER A 11 -19.19 28.71 6.79
CA SER A 11 -18.08 29.60 7.13
C SER A 11 -16.68 29.07 6.80
N ASP A 12 -16.57 28.01 5.98
CA ASP A 12 -15.29 27.42 5.59
C ASP A 12 -15.24 26.96 4.14
N SER A 13 -14.03 26.52 3.68
CA SER A 13 -13.80 26.02 2.33
C SER A 13 -14.60 24.75 2.09
N LEU A 14 -15.77 24.89 1.43
CA LEU A 14 -16.65 23.77 1.14
C LEU A 14 -17.00 23.64 -0.33
N ASP A 15 -17.16 22.39 -0.80
CA ASP A 15 -17.53 22.04 -2.17
C ASP A 15 -18.91 22.66 -2.50
N PRO A 16 -19.08 23.24 -3.72
CA PRO A 16 -20.37 23.89 -4.05
C PRO A 16 -21.65 23.05 -3.90
N CYS A 17 -21.54 21.70 -3.88
CA CYS A 17 -22.67 20.79 -3.73
C CYS A 17 -23.44 20.99 -2.40
N CYS A 18 -22.73 21.45 -1.34
CA CYS A 18 -23.27 21.70 0.00
C CYS A 18 -24.38 22.77 -0.05
N ARG A 19 -24.09 23.91 -0.69
CA ARG A 19 -25.02 25.03 -0.89
C ARG A 19 -26.25 24.55 -1.69
N LYS A 20 -26.00 23.80 -2.78
CA LYS A 20 -27.00 23.21 -3.70
C LYS A 20 -28.03 22.33 -2.97
N ILE A 21 -27.58 21.35 -2.17
CA ILE A 21 -28.46 20.42 -1.45
C ILE A 21 -29.30 21.13 -0.36
N LEU A 22 -28.70 22.12 0.35
CA LEU A 22 -29.40 22.92 1.38
C LEU A 22 -30.56 23.70 0.79
N GLN A 23 -30.30 24.38 -0.36
CA GLN A 23 -31.28 25.20 -1.08
C GLN A 23 -32.40 24.33 -1.66
N ASP A 24 -32.03 23.12 -2.17
CA ASP A 24 -32.98 22.13 -2.70
C ASP A 24 -33.90 21.58 -1.61
N GLY A 25 -33.41 21.58 -0.37
CA GLY A 25 -34.16 21.15 0.81
C GLY A 25 -35.10 22.20 1.38
N GLY A 26 -34.96 23.44 0.88
CA GLY A 26 -35.78 24.57 1.29
C GLY A 26 -35.16 25.49 2.32
N LEU A 27 -33.81 25.55 2.36
CA LEU A 27 -33.09 26.39 3.31
C LEU A 27 -32.34 27.54 2.63
N GLN A 28 -32.33 28.71 3.28
CA GLN A 28 -31.58 29.88 2.81
C GLN A 28 -30.15 29.72 3.32
N VAL A 29 -29.15 30.07 2.49
CA VAL A 29 -27.76 29.88 2.89
C VAL A 29 -26.85 31.02 2.43
N VAL A 30 -25.89 31.37 3.31
CA VAL A 30 -24.85 32.39 3.11
C VAL A 30 -23.51 31.67 3.11
N GLU A 31 -22.69 31.90 2.06
CA GLU A 31 -21.36 31.30 1.91
C GLU A 31 -20.27 32.35 2.06
N LYS A 32 -19.45 32.22 3.11
CA LYS A 32 -18.32 33.12 3.43
C LYS A 32 -17.14 32.28 3.95
N GLN A 33 -15.92 32.83 3.96
CA GLN A 33 -14.75 32.07 4.45
C GLN A 33 -13.74 32.96 5.19
N ASN A 34 -13.01 32.33 6.14
CA ASN A 34 -12.02 32.90 7.06
C ASN A 34 -12.44 34.26 7.62
N LEU A 35 -13.47 34.21 8.47
CA LEU A 35 -14.05 35.38 9.14
C LEU A 35 -13.44 35.52 10.54
N SER A 36 -13.50 36.76 11.09
CA SER A 36 -13.07 37.09 12.44
C SER A 36 -14.28 36.96 13.36
N LYS A 37 -14.04 36.88 14.69
CA LYS A 37 -15.06 36.72 15.74
C LYS A 37 -16.35 37.50 15.49
N GLU A 38 -16.23 38.83 15.39
CA GLU A 38 -17.31 39.80 15.18
C GLU A 38 -18.03 39.59 13.84
N GLU A 39 -17.24 39.37 12.74
CA GLU A 39 -17.73 39.11 11.38
C GLU A 39 -18.62 37.86 11.39
N LEU A 40 -18.13 36.81 12.07
CA LEU A 40 -18.80 35.52 12.26
C LEU A 40 -20.10 35.72 13.05
N ILE A 41 -20.04 36.47 14.19
CA ILE A 41 -21.16 36.80 15.06
C ILE A 41 -22.27 37.54 14.29
N ALA A 42 -21.90 38.59 13.52
CA ALA A 42 -22.81 39.40 12.72
C ALA A 42 -23.60 38.56 11.69
N GLU A 43 -22.90 37.72 10.91
CA GLU A 43 -23.48 36.83 9.89
C GLU A 43 -24.43 35.80 10.54
N LEU A 44 -24.05 35.28 11.72
CA LEU A 44 -24.81 34.28 12.48
C LEU A 44 -26.08 34.79 13.16
N GLN A 45 -26.22 36.12 13.36
CA GLN A 45 -27.35 36.74 14.07
C GLN A 45 -28.75 36.28 13.63
N ASP A 46 -28.93 35.94 12.33
CA ASP A 46 -30.23 35.47 11.81
C ASP A 46 -30.17 34.04 11.26
N CYS A 47 -29.17 33.25 11.72
CA CYS A 47 -28.92 31.88 11.30
C CYS A 47 -29.21 30.86 12.40
N GLU A 48 -29.95 29.78 12.05
CA GLU A 48 -30.27 28.67 12.96
C GLU A 48 -29.19 27.57 12.84
N GLY A 49 -28.47 27.58 11.71
CA GLY A 49 -27.41 26.60 11.43
C GLY A 49 -26.07 27.19 11.05
N LEU A 50 -25.00 26.44 11.33
CA LEU A 50 -23.61 26.82 11.06
C LEU A 50 -22.84 25.63 10.54
N ILE A 51 -22.17 25.79 9.40
CA ILE A 51 -21.37 24.74 8.77
C ILE A 51 -19.91 25.17 8.75
N VAL A 52 -19.05 24.32 9.35
CA VAL A 52 -17.60 24.54 9.46
C VAL A 52 -16.83 23.30 8.97
N ARG A 53 -15.53 23.49 8.70
CA ARG A 53 -14.63 22.41 8.33
C ARG A 53 -13.54 22.36 9.41
N SER A 54 -12.35 22.94 9.17
CA SER A 54 -11.24 22.94 10.15
C SER A 54 -10.80 24.34 10.56
N ALA A 55 -10.89 25.32 9.65
CA ALA A 55 -10.47 26.71 9.85
C ALA A 55 -11.27 27.49 10.90
N THR A 56 -12.62 27.43 10.87
CA THR A 56 -13.45 28.16 11.82
C THR A 56 -13.44 27.53 13.22
N LYS A 57 -13.09 28.34 14.24
CA LYS A 57 -13.08 27.92 15.64
C LYS A 57 -14.40 28.38 16.25
N VAL A 58 -15.27 27.41 16.62
CA VAL A 58 -16.59 27.68 17.19
C VAL A 58 -16.45 27.68 18.73
N THR A 59 -15.95 28.80 19.25
CA THR A 59 -15.69 29.00 20.67
C THR A 59 -16.95 29.45 21.43
N ALA A 60 -16.89 29.41 22.79
CA ALA A 60 -17.96 29.80 23.71
C ALA A 60 -18.51 31.20 23.43
N ASP A 61 -17.62 32.17 23.14
CA ASP A 61 -17.97 33.55 22.84
C ASP A 61 -18.82 33.67 21.57
N VAL A 62 -18.48 32.87 20.54
CA VAL A 62 -19.20 32.82 19.26
C VAL A 62 -20.60 32.20 19.50
N ILE A 63 -20.64 31.03 20.17
CA ILE A 63 -21.87 30.29 20.53
C ILE A 63 -22.85 31.18 21.31
N ASN A 64 -22.40 31.76 22.46
CA ASN A 64 -23.19 32.63 23.34
C ASN A 64 -23.74 33.88 22.65
N ALA A 65 -23.04 34.39 21.63
CA ALA A 65 -23.46 35.57 20.85
C ALA A 65 -24.46 35.21 19.75
N ALA A 66 -24.46 33.94 19.29
CA ALA A 66 -25.39 33.45 18.27
C ALA A 66 -26.60 32.85 19.01
N GLU A 67 -27.55 33.71 19.38
CA GLU A 67 -28.74 33.37 20.16
C GLU A 67 -29.75 32.51 19.42
N LYS A 68 -29.75 32.55 18.06
CA LYS A 68 -30.67 31.77 17.24
C LYS A 68 -30.07 30.43 16.80
N LEU A 69 -28.76 30.22 17.07
CA LEU A 69 -28.03 29.00 16.71
C LEU A 69 -28.65 27.77 17.35
N GLN A 70 -28.87 26.72 16.55
CA GLN A 70 -29.47 25.47 16.99
C GLN A 70 -28.59 24.29 16.61
N VAL A 71 -27.88 24.37 15.46
CA VAL A 71 -27.03 23.27 14.96
C VAL A 71 -25.70 23.78 14.41
N VAL A 72 -24.61 23.12 14.83
CA VAL A 72 -23.25 23.36 14.36
C VAL A 72 -22.89 22.05 13.66
N GLY A 73 -22.62 22.14 12.35
CA GLY A 73 -22.26 20.99 11.53
C GLY A 73 -20.81 21.04 11.10
N ARG A 74 -20.07 19.97 11.35
CA ARG A 74 -18.67 19.90 10.95
C ARG A 74 -18.53 18.88 9.83
N ALA A 75 -18.03 19.35 8.67
CA ALA A 75 -17.81 18.51 7.49
C ALA A 75 -16.51 17.70 7.71
N GLY A 76 -16.65 16.56 8.39
CA GLY A 76 -15.56 15.66 8.73
C GLY A 76 -15.90 14.77 9.92
N THR A 77 -14.90 14.02 10.44
CA THR A 77 -15.11 13.10 11.56
C THR A 77 -14.88 13.77 12.94
N GLY A 78 -13.73 14.44 13.11
CA GLY A 78 -13.34 15.07 14.36
C GLY A 78 -13.98 16.42 14.67
N VAL A 79 -14.31 16.67 15.96
CA VAL A 79 -14.93 17.93 16.39
C VAL A 79 -14.08 18.66 17.46
N ASP A 80 -12.80 18.95 17.13
CA ASP A 80 -11.85 19.64 18.01
C ASP A 80 -11.90 21.16 17.93
N ASN A 81 -12.32 21.72 16.78
CA ASN A 81 -12.44 23.18 16.57
C ASN A 81 -13.75 23.75 17.16
N VAL A 82 -14.66 22.87 17.63
CA VAL A 82 -15.96 23.24 18.19
C VAL A 82 -16.00 23.01 19.71
N ASP A 83 -16.41 24.04 20.48
CA ASP A 83 -16.55 23.94 21.93
C ASP A 83 -17.83 23.16 22.23
N LEU A 84 -17.69 21.83 22.44
CA LEU A 84 -18.79 20.89 22.71
C LEU A 84 -19.54 21.24 23.99
N GLU A 85 -18.81 21.70 25.04
CA GLU A 85 -19.36 22.07 26.35
C GLU A 85 -20.23 23.31 26.28
N ALA A 86 -19.77 24.36 25.57
CA ALA A 86 -20.52 25.61 25.40
C ALA A 86 -21.81 25.40 24.61
N ALA A 87 -21.74 24.55 23.57
CA ALA A 87 -22.86 24.21 22.70
C ALA A 87 -23.91 23.43 23.50
N THR A 88 -23.48 22.43 24.30
CA THR A 88 -24.37 21.61 25.12
C THR A 88 -25.07 22.47 26.20
N ARG A 89 -24.38 23.48 26.77
CA ARG A 89 -24.97 24.40 27.76
C ARG A 89 -26.11 25.20 27.13
N LYS A 90 -25.99 25.52 25.82
CA LYS A 90 -26.96 26.33 25.10
C LYS A 90 -28.03 25.51 24.38
N GLY A 91 -27.90 24.19 24.43
CA GLY A 91 -28.85 23.29 23.80
C GLY A 91 -28.63 23.12 22.31
N ILE A 92 -27.43 23.48 21.85
CA ILE A 92 -27.08 23.40 20.44
C ILE A 92 -26.60 21.99 20.09
N LEU A 93 -27.19 21.40 19.04
CA LEU A 93 -26.79 20.09 18.54
C LEU A 93 -25.51 20.23 17.70
N VAL A 94 -24.50 19.39 17.93
CA VAL A 94 -23.25 19.38 17.17
C VAL A 94 -23.19 18.12 16.32
N MET A 95 -23.16 18.28 14.99
CA MET A 95 -23.15 17.18 14.03
C MET A 95 -21.83 17.03 13.28
N ASN A 96 -21.49 15.79 12.87
CA ASN A 96 -20.32 15.51 12.04
C ASN A 96 -20.75 14.66 10.81
N THR A 97 -19.80 14.26 9.97
CA THR A 97 -20.04 13.46 8.76
C THR A 97 -19.06 12.25 8.70
N PRO A 98 -19.29 11.16 9.47
CA PRO A 98 -18.35 10.02 9.44
C PRO A 98 -18.33 9.21 8.14
N ASN A 99 -19.47 9.14 7.42
CA ASN A 99 -19.61 8.37 6.19
C ASN A 99 -18.76 8.88 5.02
N GLY A 100 -18.61 10.20 4.91
CA GLY A 100 -17.84 10.85 3.85
C GLY A 100 -16.38 10.48 3.82
N ASN A 101 -15.79 10.20 5.00
CA ASN A 101 -14.39 9.83 5.18
C ASN A 101 -14.11 8.34 5.09
N SER A 102 -15.17 7.51 5.04
CA SER A 102 -15.07 6.04 5.02
C SER A 102 -14.14 5.48 3.95
N LEU A 103 -14.30 5.91 2.68
CA LEU A 103 -13.49 5.37 1.59
C LEU A 103 -12.01 5.71 1.69
N SER A 104 -11.69 6.97 1.99
CA SER A 104 -10.29 7.39 2.13
C SER A 104 -9.63 6.75 3.34
N ALA A 105 -10.40 6.51 4.42
CA ALA A 105 -9.89 5.85 5.62
C ALA A 105 -9.63 4.37 5.33
N ALA A 106 -10.56 3.71 4.59
CA ALA A 106 -10.40 2.30 4.22
C ALA A 106 -9.23 2.10 3.28
N GLU A 107 -9.06 3.01 2.31
CA GLU A 107 -7.97 2.95 1.34
C GLU A 107 -6.64 3.07 2.03
N LEU A 108 -6.50 4.04 2.95
CA LEU A 108 -5.24 4.25 3.68
C LEU A 108 -4.89 3.00 4.51
N THR A 109 -5.92 2.39 5.15
CA THR A 109 -5.76 1.17 5.95
C THR A 109 -5.16 0.07 5.09
N CYS A 110 -5.71 -0.14 3.88
CA CYS A 110 -5.21 -1.18 2.97
C CYS A 110 -3.78 -0.91 2.57
N GLY A 111 -3.46 0.35 2.28
CA GLY A 111 -2.11 0.78 1.92
C GLY A 111 -1.14 0.50 3.06
N MET A 112 -1.57 0.77 4.33
CA MET A 112 -0.79 0.49 5.54
C MET A 112 -0.48 -1.02 5.66
N ILE A 113 -1.49 -1.87 5.39
CA ILE A 113 -1.34 -3.36 5.43
C ILE A 113 -0.25 -3.81 4.46
N MET A 114 -0.29 -3.29 3.23
CA MET A 114 0.67 -3.58 2.15
C MET A 114 2.08 -3.10 2.57
N CYS A 115 2.15 -1.93 3.24
CA CYS A 115 3.39 -1.38 3.79
C CYS A 115 3.96 -2.22 4.92
N LEU A 116 3.11 -2.87 5.74
CA LEU A 116 3.61 -3.72 6.82
C LEU A 116 4.20 -5.01 6.28
N ALA A 117 3.61 -5.53 5.21
CA ALA A 117 4.10 -6.78 4.62
C ALA A 117 5.40 -6.59 3.85
N ARG A 118 5.62 -5.41 3.23
CA ARG A 118 6.81 -5.23 2.37
C ARG A 118 7.77 -4.08 2.75
N GLN A 119 7.47 -3.34 3.82
CA GLN A 119 8.28 -2.25 4.38
C GLN A 119 8.73 -1.21 3.33
N ILE A 120 7.79 -0.80 2.47
CA ILE A 120 8.01 0.20 1.41
C ILE A 120 8.46 1.54 2.00
N PRO A 121 7.87 2.08 3.11
CA PRO A 121 8.36 3.37 3.65
C PRO A 121 9.81 3.29 4.17
N GLN A 122 10.16 2.16 4.81
CA GLN A 122 11.50 1.97 5.35
C GLN A 122 12.51 1.75 4.23
N ALA A 123 12.12 0.99 3.19
CA ALA A 123 12.95 0.74 2.01
C ALA A 123 13.20 2.06 1.27
N THR A 124 12.18 2.96 1.18
CA THR A 124 12.38 4.27 0.54
C THR A 124 13.42 5.11 1.31
N ALA A 125 13.30 5.19 2.66
CA ALA A 125 14.25 5.96 3.48
C ALA A 125 15.66 5.42 3.28
N SER A 126 15.80 4.09 3.24
CA SER A 126 17.06 3.38 3.01
C SER A 126 17.67 3.80 1.66
N MET A 127 16.87 3.72 0.57
CA MET A 127 17.28 4.10 -0.77
C MET A 127 17.73 5.56 -0.81
N LYS A 128 16.96 6.44 -0.15
CA LYS A 128 17.28 7.87 -0.08
C LYS A 128 18.55 8.17 0.72
N ASP A 129 18.99 7.21 1.52
CA ASP A 129 20.22 7.26 2.31
C ASP A 129 21.42 6.69 1.50
N GLY A 130 21.15 6.30 0.25
CA GLY A 130 22.16 5.75 -0.66
C GLY A 130 22.44 4.29 -0.43
N LYS A 131 21.61 3.63 0.42
CA LYS A 131 21.79 2.20 0.73
C LYS A 131 21.02 1.33 -0.27
N TRP A 132 21.43 0.06 -0.36
CA TRP A 132 20.78 -0.93 -1.22
C TRP A 132 20.76 -2.19 -0.36
N GLU A 133 19.77 -2.24 0.55
CA GLU A 133 19.62 -3.25 1.61
C GLU A 133 18.56 -4.29 1.29
N ARG A 134 18.91 -5.29 0.51
CA ARG A 134 17.96 -6.28 0.06
C ARG A 134 17.55 -7.28 1.15
N LYS A 135 18.53 -7.90 1.84
CA LYS A 135 18.27 -8.88 2.90
C LYS A 135 17.36 -8.32 4.01
N LYS A 136 17.63 -7.09 4.47
CA LYS A 136 16.89 -6.40 5.53
C LYS A 136 15.38 -6.27 5.25
N PHE A 137 15.02 -5.98 4.00
CA PHE A 137 13.64 -5.71 3.65
C PHE A 137 12.92 -6.90 3.01
N MET A 138 13.38 -8.13 3.32
CA MET A 138 12.76 -9.39 2.92
C MET A 138 11.37 -9.37 3.63
N GLY A 139 10.31 -9.46 2.84
CA GLY A 139 8.94 -9.34 3.35
C GLY A 139 8.09 -10.59 3.33
N THR A 140 6.78 -10.40 3.35
CA THR A 140 5.81 -11.48 3.38
C THR A 140 4.66 -11.26 2.40
N GLU A 141 4.14 -12.35 1.86
CA GLU A 141 3.03 -12.34 0.95
C GLU A 141 1.74 -12.19 1.76
N LEU A 142 0.76 -11.46 1.23
CA LEU A 142 -0.52 -11.25 1.88
C LEU A 142 -1.45 -12.44 1.60
N ASN A 143 -1.35 -13.00 0.39
CA ASN A 143 -2.15 -14.16 -0.05
C ASN A 143 -2.08 -15.28 0.98
N GLY A 144 -3.24 -15.78 1.39
CA GLY A 144 -3.33 -16.86 2.37
C GLY A 144 -3.21 -16.48 3.84
N LYS A 145 -2.87 -15.20 4.14
CA LYS A 145 -2.75 -14.76 5.54
C LYS A 145 -4.11 -14.35 6.09
N THR A 146 -4.26 -14.39 7.42
CA THR A 146 -5.49 -14.01 8.07
C THR A 146 -5.46 -12.56 8.53
N LEU A 147 -6.50 -11.82 8.15
CA LEU A 147 -6.73 -10.44 8.58
C LEU A 147 -7.91 -10.43 9.56
N GLY A 148 -7.65 -9.98 10.78
CA GLY A 148 -8.67 -9.79 11.81
C GLY A 148 -9.12 -8.35 11.75
N ILE A 149 -10.42 -8.14 11.54
CA ILE A 149 -11.01 -6.78 11.44
C ILE A 149 -11.92 -6.56 12.65
N LEU A 150 -11.51 -5.67 13.57
CA LEU A 150 -12.27 -5.35 14.77
C LEU A 150 -13.03 -4.06 14.53
N GLY A 151 -14.33 -4.20 14.31
CA GLY A 151 -15.21 -3.09 13.94
C GLY A 151 -15.61 -3.35 12.50
N LEU A 152 -16.91 -3.62 12.29
CA LEU A 152 -17.42 -4.01 10.98
C LEU A 152 -18.53 -3.08 10.48
N GLY A 153 -18.29 -1.79 10.64
CA GLY A 153 -19.14 -0.74 10.10
C GLY A 153 -18.69 -0.53 8.65
N ARG A 154 -18.91 0.67 8.11
CA ARG A 154 -18.54 1.00 6.71
C ARG A 154 -17.04 0.82 6.41
N ILE A 155 -16.16 1.35 7.26
CA ILE A 155 -14.70 1.25 7.05
C ILE A 155 -14.24 -0.21 7.09
N GLY A 156 -14.57 -0.94 8.17
CA GLY A 156 -14.20 -2.35 8.30
C GLY A 156 -14.62 -3.19 7.11
N ARG A 157 -15.85 -2.96 6.61
CA ARG A 157 -16.45 -3.64 5.44
C ARG A 157 -15.64 -3.35 4.15
N GLU A 158 -15.36 -2.05 3.87
CA GLU A 158 -14.58 -1.64 2.69
C GLU A 158 -13.16 -2.23 2.72
N VAL A 159 -12.54 -2.29 3.92
CA VAL A 159 -11.18 -2.87 4.10
C VAL A 159 -11.26 -4.36 3.74
N ALA A 160 -12.27 -5.07 4.26
CA ALA A 160 -12.46 -6.51 4.01
C ALA A 160 -12.56 -6.87 2.54
N THR A 161 -13.41 -6.17 1.77
CA THR A 161 -13.60 -6.54 0.34
C THR A 161 -12.34 -6.26 -0.50
N ARG A 162 -11.59 -5.19 -0.19
CA ARG A 162 -10.31 -4.92 -0.86
C ARG A 162 -9.26 -6.01 -0.53
N MET A 163 -9.08 -6.34 0.76
CA MET A 163 -8.08 -7.34 1.16
C MET A 163 -8.44 -8.76 0.75
N GLN A 164 -9.73 -9.04 0.52
CA GLN A 164 -10.20 -10.33 -0.02
C GLN A 164 -9.69 -10.52 -1.47
N SER A 165 -9.53 -9.42 -2.22
CA SER A 165 -8.99 -9.52 -3.60
C SER A 165 -7.50 -9.93 -3.58
N PHE A 166 -6.83 -9.80 -2.41
CA PHE A 166 -5.40 -10.16 -2.25
C PHE A 166 -5.30 -11.59 -1.77
N GLY A 167 -6.46 -12.26 -1.65
CA GLY A 167 -6.58 -13.62 -1.13
C GLY A 167 -6.41 -13.72 0.38
N MET A 168 -6.65 -12.62 1.13
CA MET A 168 -6.55 -12.70 2.59
C MET A 168 -7.82 -13.31 3.18
N LYS A 169 -7.69 -14.14 4.22
CA LYS A 169 -8.83 -14.71 4.95
C LYS A 169 -9.28 -13.60 5.93
N THR A 170 -10.50 -13.06 5.74
CA THR A 170 -10.95 -11.98 6.59
C THR A 170 -11.91 -12.48 7.67
N ILE A 171 -11.51 -12.33 8.94
CA ILE A 171 -12.34 -12.68 10.09
C ILE A 171 -12.52 -11.41 10.92
N GLY A 172 -13.41 -11.42 11.89
CA GLY A 172 -13.60 -10.24 12.71
C GLY A 172 -14.69 -10.32 13.74
N TYR A 173 -14.95 -9.18 14.38
CA TYR A 173 -15.97 -9.09 15.42
C TYR A 173 -16.46 -7.66 15.53
N ASP A 174 -17.75 -7.55 15.83
CA ASP A 174 -18.45 -6.30 16.08
C ASP A 174 -19.74 -6.66 16.84
N PRO A 175 -19.97 -6.04 18.02
CA PRO A 175 -21.17 -6.37 18.81
C PRO A 175 -22.47 -5.75 18.26
N ILE A 176 -22.35 -4.78 17.35
CA ILE A 176 -23.52 -4.11 16.77
C ILE A 176 -23.92 -4.81 15.47
N ILE A 177 -22.92 -5.12 14.63
CA ILE A 177 -23.12 -5.78 13.33
C ILE A 177 -23.34 -7.26 13.52
N SER A 178 -24.45 -7.76 12.95
CA SER A 178 -24.84 -9.17 13.03
C SER A 178 -23.89 -10.08 12.24
N PRO A 179 -23.76 -11.38 12.61
CA PRO A 179 -22.94 -12.30 11.79
C PRO A 179 -23.50 -12.48 10.38
N GLU A 180 -24.83 -12.27 10.16
CA GLU A 180 -25.47 -12.40 8.84
C GLU A 180 -25.02 -11.26 7.93
N VAL A 181 -25.00 -10.02 8.47
CA VAL A 181 -24.57 -8.83 7.75
C VAL A 181 -23.10 -8.97 7.35
N SER A 182 -22.22 -9.27 8.31
CA SER A 182 -20.79 -9.44 8.02
C SER A 182 -20.51 -10.60 7.06
N ALA A 183 -21.32 -11.68 7.14
CA ALA A 183 -21.15 -12.82 6.22
C ALA A 183 -21.46 -12.41 4.76
N SER A 184 -22.36 -11.41 4.53
CA SER A 184 -22.73 -10.94 3.20
C SER A 184 -21.56 -10.22 2.50
N PHE A 185 -20.58 -9.71 3.29
CA PHE A 185 -19.37 -9.11 2.73
C PHE A 185 -18.11 -9.98 3.03
N GLY A 186 -18.33 -11.29 3.19
CA GLY A 186 -17.27 -12.28 3.39
C GLY A 186 -16.46 -12.23 4.67
N VAL A 187 -17.03 -11.70 5.77
CA VAL A 187 -16.31 -11.64 7.06
C VAL A 187 -16.98 -12.59 8.04
N GLN A 188 -16.26 -13.63 8.47
CA GLN A 188 -16.77 -14.57 9.46
C GLN A 188 -16.54 -13.98 10.85
N GLN A 189 -17.61 -13.78 11.61
CA GLN A 189 -17.51 -13.30 12.98
C GLN A 189 -17.29 -14.47 13.92
N LEU A 190 -16.38 -14.28 14.87
CA LEU A 190 -16.01 -15.25 15.89
C LEU A 190 -15.96 -14.51 17.24
N PRO A 191 -16.12 -15.19 18.40
CA PRO A 191 -15.97 -14.46 19.67
C PRO A 191 -14.56 -13.83 19.72
N LEU A 192 -14.45 -12.59 20.22
CA LEU A 192 -13.19 -11.85 20.32
C LEU A 192 -11.98 -12.70 20.79
N GLU A 193 -12.14 -13.49 21.88
CA GLU A 193 -11.13 -14.41 22.43
C GLU A 193 -10.55 -15.34 21.37
N GLU A 194 -11.37 -15.75 20.37
CA GLU A 194 -10.95 -16.68 19.31
C GLU A 194 -10.21 -16.01 18.14
N ILE A 195 -10.34 -14.68 17.99
CA ILE A 195 -9.71 -13.94 16.91
C ILE A 195 -8.20 -13.82 17.07
N TRP A 196 -7.72 -13.34 18.24
CA TRP A 196 -6.31 -13.07 18.52
C TRP A 196 -5.35 -14.17 18.05
N PRO A 197 -5.53 -15.49 18.35
CA PRO A 197 -4.52 -16.47 17.91
C PRO A 197 -4.50 -16.81 16.42
N LEU A 198 -5.54 -16.44 15.66
CA LEU A 198 -5.60 -16.76 14.23
C LEU A 198 -4.99 -15.72 13.30
N CYS A 199 -4.88 -14.46 13.74
CA CYS A 199 -4.46 -13.38 12.86
C CYS A 199 -2.98 -13.24 12.61
N ASP A 200 -2.66 -12.95 11.36
CA ASP A 200 -1.30 -12.55 10.92
C ASP A 200 -1.34 -11.02 10.96
N PHE A 201 -2.50 -10.42 10.66
CA PHE A 201 -2.70 -8.96 10.67
C PHE A 201 -3.96 -8.61 11.44
N ILE A 202 -3.93 -7.48 12.17
CA ILE A 202 -5.12 -7.03 12.91
C ILE A 202 -5.31 -5.55 12.60
N THR A 203 -6.55 -5.17 12.26
CA THR A 203 -6.88 -3.77 11.98
C THR A 203 -8.11 -3.36 12.80
N VAL A 204 -8.13 -2.12 13.30
CA VAL A 204 -9.25 -1.66 14.13
C VAL A 204 -10.04 -0.58 13.41
N HIS A 205 -11.37 -0.70 13.42
CA HIS A 205 -12.28 0.23 12.78
C HIS A 205 -13.49 0.43 13.65
N THR A 206 -13.25 0.93 14.89
CA THR A 206 -14.30 1.16 15.86
C THR A 206 -14.32 2.63 16.25
N PRO A 207 -15.41 3.16 16.89
CA PRO A 207 -15.29 4.52 17.44
C PRO A 207 -14.49 4.39 18.75
N LEU A 208 -13.99 5.52 19.28
CA LEU A 208 -13.27 5.46 20.56
C LEU A 208 -14.31 5.64 21.67
N LEU A 209 -14.46 4.60 22.49
CA LEU A 209 -15.44 4.56 23.59
C LEU A 209 -14.77 3.88 24.79
N PRO A 210 -15.32 3.93 26.04
CA PRO A 210 -14.67 3.21 27.15
C PRO A 210 -14.47 1.71 26.83
N SER A 211 -15.42 1.09 26.11
CA SER A 211 -15.33 -0.32 25.74
C SER A 211 -14.27 -0.64 24.68
N THR A 212 -13.85 0.36 23.87
CA THR A 212 -12.86 0.17 22.80
C THR A 212 -11.48 0.76 23.17
N THR A 213 -11.34 1.37 24.37
CA THR A 213 -10.07 1.92 24.84
C THR A 213 -9.17 0.76 25.25
N GLY A 214 -7.99 0.68 24.65
CA GLY A 214 -7.03 -0.37 24.93
C GLY A 214 -7.49 -1.76 24.52
N LEU A 215 -8.29 -1.86 23.43
CA LEU A 215 -8.77 -3.12 22.85
C LEU A 215 -7.58 -4.05 22.60
N LEU A 216 -6.47 -3.47 22.12
CA LEU A 216 -5.19 -4.17 21.97
C LEU A 216 -4.35 -3.72 23.15
N ASN A 217 -4.13 -4.63 24.11
CA ASN A 217 -3.42 -4.36 25.35
C ASN A 217 -2.43 -5.50 25.64
N ASP A 218 -1.73 -5.45 26.79
CA ASP A 218 -0.76 -6.48 27.16
C ASP A 218 -1.36 -7.87 27.15
N ASN A 219 -2.58 -8.04 27.68
CA ASN A 219 -3.27 -9.33 27.69
C ASN A 219 -3.66 -9.82 26.29
N THR A 220 -4.23 -8.94 25.44
CA THR A 220 -4.64 -9.38 24.09
C THR A 220 -3.42 -9.59 23.17
N PHE A 221 -2.32 -8.78 23.32
CA PHE A 221 -1.12 -8.98 22.52
C PHE A 221 -0.48 -10.33 22.84
N ALA A 222 -0.57 -10.78 24.09
CA ALA A 222 -0.03 -12.09 24.52
C ALA A 222 -0.82 -13.28 23.95
N GLN A 223 -2.11 -13.06 23.57
CA GLN A 223 -3.00 -14.08 22.99
C GLN A 223 -2.82 -14.16 21.47
N CYS A 224 -2.13 -13.16 20.89
CA CYS A 224 -1.85 -13.06 19.45
C CYS A 224 -0.81 -14.06 19.04
N LYS A 225 -0.75 -14.40 17.74
CA LYS A 225 0.31 -15.28 17.24
C LYS A 225 1.59 -14.43 17.16
N LYS A 226 2.75 -15.01 17.55
CA LYS A 226 4.02 -14.27 17.57
C LYS A 226 4.32 -13.70 16.16
N GLY A 227 4.58 -12.39 16.12
CA GLY A 227 4.88 -11.67 14.88
C GLY A 227 3.68 -11.04 14.18
N VAL A 228 2.57 -10.84 14.92
CA VAL A 228 1.33 -10.19 14.42
C VAL A 228 1.68 -8.76 13.96
N ARG A 229 0.99 -8.27 12.92
CA ARG A 229 1.18 -6.90 12.42
C ARG A 229 -0.11 -6.16 12.68
N VAL A 230 -0.01 -4.95 13.22
CA VAL A 230 -1.20 -4.20 13.67
C VAL A 230 -1.35 -2.87 12.96
N VAL A 231 -2.63 -2.51 12.65
CA VAL A 231 -2.95 -1.25 11.98
C VAL A 231 -3.96 -0.50 12.83
N ASN A 232 -3.72 0.80 13.05
CA ASN A 232 -4.69 1.67 13.68
C ASN A 232 -4.84 2.94 12.86
N CYS A 233 -5.83 2.93 11.97
CA CYS A 233 -6.25 4.06 11.14
C CYS A 233 -7.64 4.52 11.63
N ALA A 234 -8.01 4.20 12.87
CA ALA A 234 -9.32 4.57 13.41
C ALA A 234 -9.20 5.75 14.36
N ARG A 235 -8.82 5.52 15.62
CA ARG A 235 -8.66 6.57 16.61
C ARG A 235 -7.60 6.21 17.62
N GLY A 236 -6.80 7.20 18.02
CA GLY A 236 -5.76 7.03 19.00
C GLY A 236 -6.38 6.61 20.31
N GLY A 237 -5.86 5.55 20.89
CA GLY A 237 -6.35 4.99 22.14
C GLY A 237 -6.92 3.60 22.04
N ILE A 238 -7.38 3.19 20.83
CA ILE A 238 -7.94 1.85 20.63
C ILE A 238 -6.83 0.81 20.86
N VAL A 239 -5.61 1.12 20.40
CA VAL A 239 -4.44 0.29 20.65
C VAL A 239 -3.71 0.95 21.84
N ASP A 240 -3.48 0.20 22.92
CA ASP A 240 -2.72 0.71 24.08
C ASP A 240 -1.28 0.88 23.60
N GLU A 241 -0.83 2.14 23.52
CA GLU A 241 0.48 2.54 22.97
C GLU A 241 1.67 1.95 23.73
N GLY A 242 1.58 1.89 25.06
CA GLY A 242 2.61 1.28 25.89
C GLY A 242 2.67 -0.23 25.67
N ALA A 243 1.50 -0.88 25.55
CA ALA A 243 1.45 -2.32 25.29
C ALA A 243 1.96 -2.64 23.88
N LEU A 244 1.68 -1.74 22.91
CA LEU A 244 2.15 -1.91 21.54
C LEU A 244 3.69 -1.84 21.52
N LEU A 245 4.28 -0.87 22.26
CA LEU A 245 5.74 -0.73 22.32
C LEU A 245 6.41 -1.95 22.93
N ARG A 246 5.85 -2.51 24.01
CA ARG A 246 6.40 -3.73 24.62
C ARG A 246 6.32 -4.92 23.64
N ALA A 247 5.20 -5.04 22.91
CA ALA A 247 5.00 -6.12 21.92
C ALA A 247 6.00 -6.00 20.73
N LEU A 248 6.31 -4.77 20.31
CA LEU A 248 7.31 -4.52 19.26
C LEU A 248 8.73 -4.80 19.78
N GLN A 249 8.98 -4.48 21.06
CA GLN A 249 10.26 -4.69 21.71
C GLN A 249 10.61 -6.18 21.83
N SER A 250 9.62 -7.02 22.21
CA SER A 250 9.82 -8.47 22.37
C SER A 250 9.79 -9.19 21.03
N GLY A 251 9.14 -8.59 20.06
CA GLY A 251 8.96 -9.19 18.75
C GLY A 251 7.62 -9.89 18.64
N GLN A 252 6.79 -9.82 19.71
CA GLN A 252 5.43 -10.39 19.71
C GLN A 252 4.62 -9.71 18.59
N CYS A 253 4.90 -8.41 18.37
CA CYS A 253 4.35 -7.64 17.27
C CYS A 253 5.51 -7.36 16.29
N ALA A 254 5.41 -7.85 15.03
CA ALA A 254 6.42 -7.68 13.97
C ALA A 254 6.43 -6.29 13.32
N GLY A 255 5.35 -5.55 13.50
CA GLY A 255 5.24 -4.21 12.93
C GLY A 255 3.90 -3.60 13.18
N ALA A 256 3.85 -2.25 13.19
CA ALA A 256 2.63 -1.49 13.40
C ALA A 256 2.57 -0.33 12.45
N ALA A 257 1.36 0.01 12.02
CA ALA A 257 1.10 1.13 11.11
C ALA A 257 0.09 2.00 11.80
N LEU A 258 0.48 3.23 12.12
CA LEU A 258 -0.38 4.12 12.89
C LEU A 258 -0.65 5.42 12.20
N ASP A 259 -1.94 5.74 12.06
CA ASP A 259 -2.32 7.02 11.46
C ASP A 259 -2.83 7.95 12.57
N VAL A 260 -3.14 7.38 13.74
CA VAL A 260 -3.73 8.07 14.89
C VAL A 260 -2.96 7.78 16.16
N PHE A 261 -2.99 8.73 17.09
CA PHE A 261 -2.24 8.65 18.35
C PHE A 261 -3.09 9.15 19.51
N THR A 262 -2.86 8.66 20.75
CA THR A 262 -3.63 9.07 21.92
C THR A 262 -3.52 10.57 22.14
N GLU A 263 -2.35 11.11 21.85
CA GLU A 263 -2.06 12.53 21.88
C GLU A 263 -1.62 12.90 20.46
N GLU A 264 -2.22 13.96 19.86
CA GLU A 264 -1.86 14.37 18.50
C GLU A 264 -1.40 15.84 18.40
N PRO A 265 -0.12 16.10 18.04
CA PRO A 265 0.97 15.13 17.75
C PRO A 265 1.50 14.39 18.99
N PRO A 266 1.96 13.14 18.82
CA PRO A 266 2.47 12.40 19.99
C PRO A 266 3.79 12.98 20.54
N ARG A 267 3.81 13.31 21.84
CA ARG A 267 5.01 13.87 22.48
C ARG A 267 6.02 12.76 22.77
N ASP A 268 5.52 11.52 23.05
CA ASP A 268 6.34 10.33 23.29
C ASP A 268 6.62 9.77 21.89
N ARG A 269 7.89 9.79 21.48
CA ARG A 269 8.31 9.43 20.14
C ARG A 269 8.76 7.98 19.97
N ALA A 270 8.79 7.18 21.07
CA ALA A 270 9.23 5.77 21.05
C ALA A 270 8.57 4.89 19.96
N LEU A 271 7.24 5.03 19.74
CA LEU A 271 6.54 4.27 18.70
C LEU A 271 6.94 4.76 17.32
N VAL A 272 6.78 6.07 17.06
CA VAL A 272 7.12 6.72 15.79
C VAL A 272 8.58 6.38 15.38
N ASP A 273 9.51 6.43 16.33
CA ASP A 273 10.95 6.15 16.10
C ASP A 273 11.30 4.67 15.93
N HIS A 274 10.38 3.75 16.26
CA HIS A 274 10.65 2.30 16.13
C HIS A 274 10.76 1.94 14.64
N GLU A 275 11.81 1.15 14.28
CA GLU A 275 12.09 0.75 12.89
C GLU A 275 10.96 -0.06 12.25
N ASN A 276 10.17 -0.79 13.07
CA ASN A 276 9.06 -1.60 12.58
C ASN A 276 7.74 -0.84 12.57
N VAL A 277 7.77 0.49 12.83
CA VAL A 277 6.57 1.33 12.86
C VAL A 277 6.51 2.30 11.68
N ILE A 278 5.37 2.28 10.99
CA ILE A 278 5.03 3.13 9.87
C ILE A 278 3.98 4.08 10.42
N SER A 279 4.04 5.35 10.03
CA SER A 279 3.07 6.31 10.56
C SER A 279 2.74 7.42 9.59
N CYS A 280 1.61 8.07 9.83
CA CYS A 280 1.15 9.24 9.07
C CYS A 280 0.63 10.25 10.07
N PRO A 281 0.65 11.56 9.74
CA PRO A 281 0.07 12.54 10.66
C PRO A 281 -1.47 12.65 10.49
N HIS A 282 -2.23 11.61 10.88
CA HIS A 282 -3.72 11.59 10.76
C HIS A 282 -4.20 12.00 9.36
N LEU A 283 -3.80 11.22 8.37
CA LEU A 283 -4.11 11.48 6.97
C LEU A 283 -5.30 10.68 6.42
N GLY A 284 -5.97 9.91 7.27
CA GLY A 284 -7.12 9.08 6.90
C GLY A 284 -8.18 9.78 6.07
N ALA A 285 -8.50 11.03 6.44
CA ALA A 285 -9.50 11.86 5.78
C ALA A 285 -8.89 12.88 4.78
N SER A 286 -7.56 12.83 4.57
CA SER A 286 -6.82 13.82 3.78
C SER A 286 -6.75 13.55 2.25
N THR A 287 -7.91 13.67 1.58
CA THR A 287 -8.06 13.61 0.11
C THR A 287 -9.16 14.63 -0.26
N LYS A 288 -9.06 15.22 -1.46
CA LYS A 288 -10.02 16.18 -2.04
C LYS A 288 -11.41 15.52 -2.16
N GLU A 289 -11.45 14.21 -2.48
CA GLU A 289 -12.68 13.42 -2.62
C GLU A 289 -13.45 13.28 -1.29
N ALA A 290 -12.75 12.98 -0.18
CA ALA A 290 -13.35 12.83 1.16
C ALA A 290 -13.94 14.17 1.63
N GLN A 291 -13.19 15.26 1.37
CA GLN A 291 -13.60 16.61 1.71
C GLN A 291 -14.91 16.99 1.01
N SER A 292 -15.05 16.61 -0.28
CA SER A 292 -16.26 16.87 -1.06
C SER A 292 -17.41 16.03 -0.53
N ARG A 293 -17.18 14.74 -0.23
CA ARG A 293 -18.25 13.88 0.30
C ARG A 293 -18.78 14.36 1.66
N CYS A 294 -17.89 14.92 2.53
CA CYS A 294 -18.28 15.49 3.83
C CYS A 294 -19.12 16.77 3.67
N GLY A 295 -18.81 17.56 2.64
CA GLY A 295 -19.56 18.77 2.31
C GLY A 295 -20.97 18.41 1.86
N GLU A 296 -21.08 17.33 1.08
CA GLU A 296 -22.34 16.79 0.57
C GLU A 296 -23.14 16.18 1.74
N GLU A 297 -22.51 15.32 2.57
CA GLU A 297 -23.15 14.65 3.71
C GLU A 297 -23.74 15.61 4.74
N ILE A 298 -22.99 16.68 5.08
CA ILE A 298 -23.48 17.65 6.07
C ILE A 298 -24.76 18.35 5.58
N ALA A 299 -24.84 18.66 4.27
CA ALA A 299 -26.03 19.29 3.68
C ALA A 299 -27.23 18.33 3.70
N VAL A 300 -26.99 17.04 3.42
CA VAL A 300 -28.01 15.97 3.43
C VAL A 300 -28.61 15.84 4.85
N GLN A 301 -27.75 15.85 5.90
CA GLN A 301 -28.13 15.75 7.31
C GLN A 301 -29.02 16.91 7.78
N PHE A 302 -28.62 18.17 7.45
CA PHE A 302 -29.35 19.39 7.80
C PHE A 302 -30.76 19.41 7.21
N VAL A 303 -30.91 18.89 5.97
CA VAL A 303 -32.19 18.81 5.27
C VAL A 303 -33.14 17.80 5.95
N ASP A 304 -32.61 16.60 6.32
CA ASP A 304 -33.32 15.49 6.96
C ASP A 304 -34.13 15.86 8.21
N MET A 305 -33.62 16.79 9.04
CA MET A 305 -34.31 17.22 10.26
C MET A 305 -35.30 18.36 10.00
N LEU B 5 22.49 -36.71 -14.42
CA LEU B 5 22.25 -35.84 -13.26
C LEU B 5 22.23 -36.67 -11.97
N ARG B 6 23.21 -36.43 -11.08
CA ARG B 6 23.35 -37.20 -9.83
C ARG B 6 23.59 -36.34 -8.60
N LYS B 7 24.38 -35.25 -8.76
CA LYS B 7 24.76 -34.36 -7.67
C LYS B 7 24.45 -32.89 -8.01
N VAL B 8 23.79 -32.19 -7.08
CA VAL B 8 23.44 -30.78 -7.30
C VAL B 8 24.01 -29.90 -6.20
N LEU B 9 24.63 -28.78 -6.60
CA LEU B 9 25.11 -27.78 -5.69
C LEU B 9 24.11 -26.63 -5.70
N ILE B 10 23.69 -26.20 -4.51
CA ILE B 10 22.86 -25.02 -4.31
C ILE B 10 23.89 -24.03 -3.74
N SER B 11 24.28 -23.01 -4.53
CA SER B 11 25.35 -22.07 -4.18
C SER B 11 24.88 -20.74 -3.53
N ASP B 12 23.56 -20.54 -3.40
CA ASP B 12 22.98 -19.37 -2.73
C ASP B 12 22.00 -19.83 -1.65
N SER B 13 21.58 -18.94 -0.74
CA SER B 13 20.67 -19.31 0.34
C SER B 13 19.26 -19.63 -0.17
N LEU B 14 18.87 -20.89 -0.07
CA LEU B 14 17.56 -21.33 -0.53
C LEU B 14 16.75 -21.96 0.59
N ASP B 15 15.43 -22.02 0.39
CA ASP B 15 14.46 -22.61 1.31
C ASP B 15 14.77 -24.11 1.44
N PRO B 16 14.70 -24.72 2.66
CA PRO B 16 14.99 -26.16 2.80
C PRO B 16 14.14 -27.07 1.91
N CYS B 17 13.01 -26.56 1.36
CA CYS B 17 12.14 -27.34 0.47
C CYS B 17 12.83 -27.74 -0.84
N CYS B 18 13.78 -26.91 -1.33
CA CYS B 18 14.52 -27.17 -2.56
C CYS B 18 15.33 -28.47 -2.44
N ARG B 19 16.26 -28.54 -1.45
CA ARG B 19 17.11 -29.70 -1.14
C ARG B 19 16.25 -30.95 -0.91
N LYS B 20 15.18 -30.81 -0.11
CA LYS B 20 14.23 -31.88 0.26
C LYS B 20 13.55 -32.52 -0.96
N ILE B 21 13.14 -31.73 -1.97
CA ILE B 21 12.51 -32.25 -3.19
C ILE B 21 13.54 -32.95 -4.07
N LEU B 22 14.74 -32.35 -4.21
CA LEU B 22 15.85 -32.94 -4.99
C LEU B 22 16.23 -34.30 -4.43
N GLN B 23 16.29 -34.43 -3.08
CA GLN B 23 16.61 -35.67 -2.37
C GLN B 23 15.50 -36.69 -2.54
N ASP B 24 14.23 -36.22 -2.63
CA ASP B 24 13.07 -37.09 -2.89
C ASP B 24 13.14 -37.66 -4.30
N GLY B 25 13.80 -36.92 -5.21
CA GLY B 25 14.02 -37.31 -6.59
C GLY B 25 15.23 -38.20 -6.81
N GLY B 26 15.95 -38.50 -5.71
CA GLY B 26 17.12 -39.37 -5.69
C GLY B 26 18.45 -38.68 -5.92
N LEU B 27 18.47 -37.34 -5.88
CA LEU B 27 19.71 -36.59 -6.09
C LEU B 27 20.45 -36.30 -4.79
N GLN B 28 21.79 -36.28 -4.87
CA GLN B 28 22.66 -35.90 -3.77
C GLN B 28 22.74 -34.36 -3.81
N VAL B 29 22.58 -33.70 -2.65
CA VAL B 29 22.60 -32.24 -2.60
C VAL B 29 23.67 -31.71 -1.65
N VAL B 30 24.44 -30.71 -2.12
CA VAL B 30 25.43 -29.97 -1.34
C VAL B 30 24.93 -28.52 -1.28
N GLU B 31 24.80 -27.96 -0.06
CA GLU B 31 24.34 -26.60 0.16
C GLU B 31 25.47 -25.75 0.70
N LYS B 32 25.87 -24.74 -0.06
CA LYS B 32 26.92 -23.79 0.30
C LYS B 32 26.51 -22.39 -0.12
N GLN B 33 27.18 -21.36 0.42
CA GLN B 33 26.89 -19.96 0.11
C GLN B 33 28.12 -19.08 0.24
N ASN B 34 28.09 -17.89 -0.40
CA ASN B 34 29.15 -16.88 -0.42
C ASN B 34 30.51 -17.43 -0.89
N LEU B 35 30.45 -18.42 -1.82
CA LEU B 35 31.64 -19.07 -2.37
C LEU B 35 32.33 -18.15 -3.36
N SER B 36 33.66 -18.18 -3.36
CA SER B 36 34.49 -17.42 -4.30
C SER B 36 34.55 -18.20 -5.61
N LYS B 37 35.09 -17.57 -6.68
CA LYS B 37 35.26 -18.18 -8.01
C LYS B 37 35.97 -19.54 -7.91
N GLU B 38 37.11 -19.60 -7.19
CA GLU B 38 37.91 -20.80 -6.97
C GLU B 38 37.12 -21.88 -6.20
N GLU B 39 36.43 -21.47 -5.11
CA GLU B 39 35.62 -22.34 -4.24
C GLU B 39 34.44 -22.97 -4.98
N LEU B 40 33.74 -22.16 -5.81
CA LEU B 40 32.60 -22.57 -6.62
C LEU B 40 33.00 -23.63 -7.65
N ILE B 41 34.11 -23.37 -8.37
CA ILE B 41 34.69 -24.26 -9.39
C ILE B 41 35.03 -25.63 -8.80
N ALA B 42 35.67 -25.64 -7.60
CA ALA B 42 36.08 -26.86 -6.89
C ALA B 42 34.89 -27.72 -6.47
N GLU B 43 33.80 -27.10 -5.98
CA GLU B 43 32.58 -27.79 -5.56
C GLU B 43 31.88 -28.45 -6.75
N LEU B 44 31.86 -27.75 -7.92
CA LEU B 44 31.24 -28.19 -9.17
C LEU B 44 31.96 -29.34 -9.91
N GLN B 45 33.19 -29.70 -9.49
CA GLN B 45 33.98 -30.77 -10.11
C GLN B 45 33.25 -32.12 -10.20
N ASP B 46 32.39 -32.43 -9.21
CA ASP B 46 31.59 -33.66 -9.19
C ASP B 46 30.07 -33.38 -9.25
N CYS B 47 29.69 -32.18 -9.72
CA CYS B 47 28.28 -31.77 -9.85
C CYS B 47 27.82 -31.68 -11.31
N GLU B 48 26.62 -32.24 -11.59
CA GLU B 48 25.99 -32.16 -12.91
C GLU B 48 25.01 -30.98 -12.92
N GLY B 49 24.57 -30.55 -11.74
CA GLY B 49 23.62 -29.45 -11.61
C GLY B 49 24.06 -28.36 -10.66
N LEU B 50 23.60 -27.12 -10.92
CA LEU B 50 23.91 -25.96 -10.09
C LEU B 50 22.66 -25.10 -9.95
N ILE B 51 22.23 -24.82 -8.70
CA ILE B 51 21.07 -23.94 -8.42
C ILE B 51 21.57 -22.64 -7.79
N VAL B 52 21.20 -21.49 -8.38
CA VAL B 52 21.62 -20.17 -7.94
C VAL B 52 20.42 -19.23 -7.68
N ARG B 53 20.69 -18.10 -7.03
CA ARG B 53 19.72 -17.05 -6.85
C ARG B 53 20.22 -15.90 -7.73
N SER B 54 20.83 -14.83 -7.17
CA SER B 54 21.38 -13.77 -8.01
C SER B 54 22.85 -13.47 -7.68
N ALA B 55 23.28 -13.77 -6.43
CA ALA B 55 24.65 -13.55 -5.94
C ALA B 55 25.71 -14.42 -6.65
N THR B 56 25.40 -15.69 -6.94
CA THR B 56 26.36 -16.55 -7.64
C THR B 56 26.43 -16.11 -9.11
N LYS B 57 27.66 -15.82 -9.57
CA LYS B 57 27.89 -15.39 -10.94
C LYS B 57 28.38 -16.59 -11.73
N VAL B 58 27.52 -17.08 -12.64
CA VAL B 58 27.82 -18.25 -13.48
C VAL B 58 28.49 -17.72 -14.76
N THR B 59 29.77 -17.37 -14.62
CA THR B 59 30.62 -16.81 -15.67
C THR B 59 31.12 -17.89 -16.64
N ALA B 60 31.74 -17.45 -17.76
CA ALA B 60 32.31 -18.33 -18.78
C ALA B 60 33.35 -19.26 -18.17
N ASP B 61 34.23 -18.71 -17.30
CA ASP B 61 35.28 -19.45 -16.60
C ASP B 61 34.74 -20.50 -15.63
N VAL B 62 33.58 -20.25 -15.00
CA VAL B 62 32.94 -21.21 -14.10
C VAL B 62 32.39 -22.38 -14.95
N ILE B 63 31.62 -22.06 -16.02
CA ILE B 63 31.02 -23.00 -16.97
C ILE B 63 32.10 -23.92 -17.58
N ASN B 64 33.19 -23.32 -18.09
CA ASN B 64 34.30 -24.03 -18.72
C ASN B 64 35.10 -24.94 -17.76
N ALA B 65 35.15 -24.58 -16.46
CA ALA B 65 35.85 -25.36 -15.43
C ALA B 65 35.01 -26.51 -14.85
N ALA B 66 33.68 -26.40 -14.93
CA ALA B 66 32.72 -27.39 -14.45
C ALA B 66 32.37 -28.33 -15.63
N GLU B 67 33.27 -29.29 -15.90
CA GLU B 67 33.18 -30.23 -17.02
C GLU B 67 32.00 -31.22 -16.94
N LYS B 68 31.49 -31.52 -15.72
CA LYS B 68 30.36 -32.43 -15.52
C LYS B 68 29.01 -31.70 -15.54
N LEU B 69 29.02 -30.35 -15.53
CA LEU B 69 27.84 -29.50 -15.50
C LEU B 69 26.93 -29.68 -16.73
N GLN B 70 25.64 -29.97 -16.48
CA GLN B 70 24.59 -30.20 -17.47
C GLN B 70 23.47 -29.17 -17.38
N VAL B 71 23.16 -28.70 -16.16
CA VAL B 71 22.04 -27.79 -15.94
C VAL B 71 22.32 -26.72 -14.88
N VAL B 72 21.88 -25.49 -15.17
CA VAL B 72 22.00 -24.34 -14.28
C VAL B 72 20.61 -23.81 -14.06
N GLY B 73 20.17 -23.87 -12.82
CA GLY B 73 18.85 -23.40 -12.43
C GLY B 73 18.89 -22.16 -11.58
N ARG B 74 18.04 -21.19 -11.92
CA ARG B 74 17.93 -19.96 -11.15
C ARG B 74 16.58 -19.98 -10.42
N ALA B 75 16.61 -19.93 -9.08
CA ALA B 75 15.38 -19.89 -8.27
C ALA B 75 14.89 -18.45 -8.25
N GLY B 76 14.19 -18.08 -9.32
CA GLY B 76 13.65 -16.74 -9.53
C GLY B 76 13.47 -16.38 -10.99
N THR B 77 13.37 -15.07 -11.28
CA THR B 77 13.14 -14.55 -12.63
C THR B 77 14.42 -14.13 -13.34
N GLY B 78 14.48 -14.48 -14.62
CA GLY B 78 15.56 -14.09 -15.53
C GLY B 78 16.80 -14.93 -15.34
N VAL B 79 17.94 -14.40 -15.84
CA VAL B 79 19.25 -15.07 -15.79
C VAL B 79 20.42 -14.10 -15.99
N ASP B 80 20.29 -12.84 -15.52
CA ASP B 80 21.31 -11.80 -15.62
C ASP B 80 22.68 -12.18 -15.01
N ASN B 81 22.68 -13.08 -14.00
CA ASN B 81 23.89 -13.58 -13.33
C ASN B 81 24.49 -14.81 -14.03
N VAL B 82 23.86 -15.30 -15.10
CA VAL B 82 24.30 -16.50 -15.83
C VAL B 82 24.74 -16.13 -17.26
N ASP B 83 25.95 -16.56 -17.66
CA ASP B 83 26.47 -16.32 -19.01
C ASP B 83 25.76 -17.30 -19.96
N LEU B 84 24.64 -16.84 -20.55
CA LEU B 84 23.79 -17.61 -21.47
C LEU B 84 24.50 -18.06 -22.74
N GLU B 85 25.49 -17.27 -23.21
CA GLU B 85 26.30 -17.59 -24.39
C GLU B 85 27.20 -18.78 -24.08
N ALA B 86 27.94 -18.73 -22.94
CA ALA B 86 28.84 -19.80 -22.49
C ALA B 86 28.08 -21.10 -22.22
N ALA B 87 26.88 -20.99 -21.62
CA ALA B 87 26.02 -22.14 -21.35
C ALA B 87 25.52 -22.79 -22.66
N THR B 88 25.05 -21.98 -23.64
CA THR B 88 24.59 -22.46 -24.95
C THR B 88 25.74 -23.15 -25.70
N ARG B 89 26.95 -22.53 -25.68
CA ARG B 89 28.17 -23.04 -26.30
C ARG B 89 28.57 -24.42 -25.76
N LYS B 90 28.46 -24.63 -24.43
CA LYS B 90 28.86 -25.89 -23.80
C LYS B 90 27.71 -26.92 -23.64
N GLY B 91 26.57 -26.68 -24.30
CA GLY B 91 25.40 -27.55 -24.26
C GLY B 91 24.70 -27.64 -22.91
N ILE B 92 24.86 -26.61 -22.07
CA ILE B 92 24.28 -26.53 -20.73
C ILE B 92 22.91 -25.89 -20.80
N LEU B 93 21.90 -26.59 -20.26
CA LEU B 93 20.54 -26.11 -20.17
C LEU B 93 20.43 -25.10 -19.01
N VAL B 94 19.73 -23.99 -19.25
CA VAL B 94 19.50 -22.93 -18.27
C VAL B 94 18.01 -22.85 -17.96
N MET B 95 17.65 -22.99 -16.68
CA MET B 95 16.27 -22.97 -16.21
C MET B 95 16.05 -21.86 -15.20
N ASN B 96 14.83 -21.31 -15.16
CA ASN B 96 14.40 -20.32 -14.17
C ASN B 96 12.98 -20.64 -13.67
N THR B 97 12.43 -19.79 -12.77
CA THR B 97 11.11 -19.99 -12.14
C THR B 97 10.33 -18.64 -12.11
N PRO B 98 9.91 -18.07 -13.27
CA PRO B 98 9.21 -16.77 -13.21
C PRO B 98 7.86 -16.80 -12.49
N ASN B 99 7.12 -17.93 -12.60
CA ASN B 99 5.80 -18.06 -11.97
C ASN B 99 5.84 -18.00 -10.43
N GLY B 100 6.96 -18.39 -9.83
CA GLY B 100 7.16 -18.39 -8.39
C GLY B 100 7.11 -17.02 -7.74
N ASN B 101 7.43 -15.97 -8.52
CA ASN B 101 7.51 -14.56 -8.13
C ASN B 101 6.28 -13.69 -8.44
N SER B 102 5.35 -14.17 -9.28
CA SER B 102 4.18 -13.43 -9.78
C SER B 102 3.34 -12.72 -8.71
N LEU B 103 2.84 -13.47 -7.68
CA LEU B 103 2.02 -12.90 -6.61
C LEU B 103 2.77 -11.81 -5.85
N SER B 104 4.02 -12.10 -5.42
CA SER B 104 4.83 -11.12 -4.71
C SER B 104 5.08 -9.86 -5.54
N ALA B 105 5.35 -10.02 -6.84
CA ALA B 105 5.57 -8.86 -7.71
C ALA B 105 4.31 -8.02 -7.83
N ALA B 106 3.14 -8.66 -8.03
CA ALA B 106 1.85 -7.96 -8.15
C ALA B 106 1.49 -7.26 -6.84
N GLU B 107 1.74 -7.92 -5.66
CA GLU B 107 1.47 -7.34 -4.35
C GLU B 107 2.32 -6.10 -4.11
N LEU B 108 3.63 -6.16 -4.47
CA LEU B 108 4.49 -4.98 -4.33
C LEU B 108 3.98 -3.83 -5.18
N THR B 109 3.58 -4.11 -6.44
CA THR B 109 3.02 -3.13 -7.37
C THR B 109 1.83 -2.40 -6.75
N CYS B 110 0.85 -3.15 -6.18
CA CYS B 110 -0.34 -2.57 -5.53
C CYS B 110 0.05 -1.70 -4.34
N GLY B 111 1.06 -2.13 -3.59
CA GLY B 111 1.61 -1.38 -2.45
C GLY B 111 2.21 -0.08 -2.91
N MET B 112 2.94 -0.11 -4.04
CA MET B 112 3.53 1.09 -4.65
C MET B 112 2.43 2.08 -5.04
N ILE B 113 1.34 1.58 -5.67
CA ILE B 113 0.20 2.42 -6.09
C ILE B 113 -0.40 3.15 -4.89
N MET B 114 -0.66 2.42 -3.80
CA MET B 114 -1.21 2.99 -2.57
C MET B 114 -0.24 3.96 -1.94
N CYS B 115 1.08 3.65 -1.98
CA CYS B 115 2.09 4.55 -1.45
C CYS B 115 2.14 5.87 -2.20
N LEU B 116 1.98 5.84 -3.56
CA LEU B 116 1.95 7.07 -4.34
C LEU B 116 0.68 7.88 -4.10
N ALA B 117 -0.50 7.20 -4.00
CA ALA B 117 -1.77 7.90 -3.77
C ALA B 117 -1.82 8.66 -2.44
N ARG B 118 -1.20 8.13 -1.40
CA ARG B 118 -1.28 8.72 -0.07
C ARG B 118 0.05 9.21 0.51
N GLN B 119 1.14 9.15 -0.28
CA GLN B 119 2.47 9.65 0.10
C GLN B 119 2.94 9.06 1.45
N ILE B 120 2.67 7.76 1.66
CA ILE B 120 2.97 7.05 2.91
C ILE B 120 4.49 7.06 3.20
N PRO B 121 5.42 6.74 2.27
CA PRO B 121 6.86 6.80 2.61
C PRO B 121 7.28 8.21 3.03
N GLN B 122 6.68 9.25 2.39
CA GLN B 122 6.99 10.65 2.72
C GLN B 122 6.43 11.01 4.11
N ALA B 123 5.18 10.56 4.42
CA ALA B 123 4.54 10.85 5.71
C ALA B 123 5.30 10.18 6.85
N THR B 124 5.76 8.93 6.65
CA THR B 124 6.58 8.21 7.61
C THR B 124 7.90 8.97 7.90
N ALA B 125 8.60 9.41 6.83
CA ALA B 125 9.86 10.17 6.95
C ALA B 125 9.64 11.47 7.72
N SER B 126 8.53 12.18 7.45
CA SER B 126 8.17 13.44 8.12
C SER B 126 7.95 13.19 9.62
N MET B 127 7.19 12.13 9.97
CA MET B 127 6.89 11.72 11.35
C MET B 127 8.17 11.35 12.07
N LYS B 128 9.03 10.56 11.41
CA LYS B 128 10.31 10.12 11.99
C LYS B 128 11.28 11.29 12.20
N ASP B 129 11.09 12.38 11.46
CA ASP B 129 11.90 13.58 11.61
C ASP B 129 11.37 14.48 12.76
N GLY B 130 10.35 14.00 13.46
CA GLY B 130 9.70 14.68 14.59
C GLY B 130 8.73 15.77 14.21
N LYS B 131 8.19 15.71 12.98
CA LYS B 131 7.27 16.74 12.50
C LYS B 131 5.85 16.23 12.39
N TRP B 132 4.89 17.15 12.51
CA TRP B 132 3.46 16.90 12.33
C TRP B 132 3.06 17.85 11.20
N GLU B 133 3.24 17.41 9.95
CA GLU B 133 3.01 18.26 8.76
C GLU B 133 1.74 17.89 7.98
N ARG B 134 0.64 17.55 8.70
CA ARG B 134 -0.66 17.19 8.14
C ARG B 134 -1.11 18.15 7.01
N LYS B 135 -0.97 19.48 7.23
CA LYS B 135 -1.33 20.54 6.27
C LYS B 135 -0.52 20.49 4.95
N LYS B 136 0.66 19.82 4.94
CA LYS B 136 1.52 19.73 3.76
C LYS B 136 1.16 18.52 2.89
N PHE B 137 0.29 17.64 3.40
CA PHE B 137 -0.12 16.42 2.69
C PHE B 137 -1.54 16.47 2.18
N MET B 138 -1.73 16.01 0.95
CA MET B 138 -3.05 15.87 0.33
C MET B 138 -2.94 14.69 -0.61
N GLY B 139 -3.65 13.63 -0.26
CA GLY B 139 -3.65 12.39 -1.03
C GLY B 139 -4.75 12.31 -2.05
N THR B 140 -4.77 11.20 -2.78
CA THR B 140 -5.78 10.93 -3.81
C THR B 140 -6.50 9.62 -3.51
N GLU B 141 -7.82 9.64 -3.64
CA GLU B 141 -8.68 8.47 -3.46
C GLU B 141 -8.61 7.67 -4.76
N LEU B 142 -8.31 6.38 -4.68
CA LEU B 142 -8.19 5.51 -5.86
C LEU B 142 -9.50 5.18 -6.54
N ASN B 143 -10.60 5.16 -5.76
CA ASN B 143 -11.94 4.85 -6.27
C ASN B 143 -12.32 5.75 -7.43
N GLY B 144 -12.66 5.12 -8.55
CA GLY B 144 -13.07 5.81 -9.77
C GLY B 144 -11.92 6.31 -10.64
N LYS B 145 -10.67 6.13 -10.20
CA LYS B 145 -9.47 6.54 -10.96
C LYS B 145 -9.11 5.49 -11.99
N THR B 146 -8.45 5.91 -13.08
CA THR B 146 -8.03 5.00 -14.15
C THR B 146 -6.60 4.52 -13.96
N LEU B 147 -6.43 3.20 -13.99
CA LEU B 147 -5.13 2.56 -13.88
C LEU B 147 -4.86 1.89 -15.26
N GLY B 148 -3.76 2.31 -15.90
CA GLY B 148 -3.32 1.77 -17.18
C GLY B 148 -2.30 0.68 -16.94
N ILE B 149 -2.55 -0.52 -17.48
CA ILE B 149 -1.65 -1.67 -17.28
C ILE B 149 -1.04 -2.10 -18.64
N LEU B 150 0.25 -1.85 -18.78
CA LEU B 150 0.99 -2.16 -20.00
C LEU B 150 1.68 -3.48 -19.79
N GLY B 151 1.18 -4.51 -20.45
CA GLY B 151 1.67 -5.88 -20.29
C GLY B 151 0.66 -6.61 -19.43
N LEU B 152 -0.01 -7.58 -20.01
CA LEU B 152 -1.10 -8.30 -19.34
C LEU B 152 -0.86 -9.80 -19.22
N GLY B 153 0.32 -10.16 -18.76
CA GLY B 153 0.66 -11.54 -18.42
C GLY B 153 0.15 -11.77 -17.02
N ARG B 154 0.73 -12.76 -16.32
CA ARG B 154 0.35 -13.12 -14.95
C ARG B 154 0.38 -11.95 -13.98
N ILE B 155 1.48 -11.17 -13.97
CA ILE B 155 1.66 -10.05 -13.02
C ILE B 155 0.64 -8.95 -13.31
N GLY B 156 0.53 -8.53 -14.57
CA GLY B 156 -0.43 -7.50 -15.02
C GLY B 156 -1.86 -7.86 -14.65
N ARG B 157 -2.26 -9.14 -14.82
CA ARG B 157 -3.60 -9.68 -14.52
C ARG B 157 -3.88 -9.62 -12.99
N GLU B 158 -2.90 -10.04 -12.16
CA GLU B 158 -3.03 -10.05 -10.69
C GLU B 158 -3.15 -8.64 -10.13
N VAL B 159 -2.39 -7.69 -10.69
CA VAL B 159 -2.43 -6.27 -10.30
C VAL B 159 -3.83 -5.74 -10.57
N ALA B 160 -4.36 -6.05 -11.78
CA ALA B 160 -5.68 -5.61 -12.21
C ALA B 160 -6.80 -6.07 -11.31
N THR B 161 -6.84 -7.36 -10.95
CA THR B 161 -7.95 -7.88 -10.14
C THR B 161 -7.92 -7.27 -8.73
N ARG B 162 -6.72 -7.04 -8.17
CA ARG B 162 -6.62 -6.40 -6.84
C ARG B 162 -7.04 -4.94 -6.91
N MET B 163 -6.58 -4.21 -7.92
CA MET B 163 -6.92 -2.77 -8.00
C MET B 163 -8.39 -2.54 -8.38
N GLN B 164 -9.02 -3.54 -9.03
CA GLN B 164 -10.47 -3.48 -9.37
C GLN B 164 -11.30 -3.42 -8.06
N SER B 165 -10.83 -4.09 -6.99
CA SER B 165 -11.50 -4.09 -5.67
C SER B 165 -11.51 -2.71 -5.02
N PHE B 166 -10.60 -1.82 -5.45
CA PHE B 166 -10.53 -0.42 -4.97
C PHE B 166 -11.42 0.48 -5.82
N GLY B 167 -12.12 -0.09 -6.79
CA GLY B 167 -13.00 0.65 -7.68
C GLY B 167 -12.26 1.40 -8.77
N MET B 168 -11.01 0.98 -9.07
CA MET B 168 -10.21 1.58 -10.13
C MET B 168 -10.70 1.03 -11.47
N LYS B 169 -10.73 1.88 -12.51
CA LYS B 169 -11.05 1.50 -13.88
C LYS B 169 -9.73 0.95 -14.45
N THR B 170 -9.68 -0.35 -14.80
CA THR B 170 -8.44 -0.93 -15.28
C THR B 170 -8.46 -1.11 -16.80
N ILE B 171 -7.62 -0.33 -17.46
CA ILE B 171 -7.46 -0.38 -18.92
C ILE B 171 -6.02 -0.78 -19.15
N GLY B 172 -5.69 -1.17 -20.37
CA GLY B 172 -4.32 -1.56 -20.69
C GLY B 172 -4.12 -2.00 -22.12
N TYR B 173 -2.94 -2.58 -22.38
CA TYR B 173 -2.57 -3.05 -23.71
C TYR B 173 -1.52 -4.14 -23.60
N ASP B 174 -1.64 -5.14 -24.47
CA ASP B 174 -0.68 -6.23 -24.61
C ASP B 174 -0.88 -6.83 -26.00
N PRO B 175 0.16 -6.83 -26.86
CA PRO B 175 0.02 -7.34 -28.23
C PRO B 175 -0.27 -8.83 -28.33
N ILE B 176 0.05 -9.59 -27.28
CA ILE B 176 -0.13 -11.05 -27.24
C ILE B 176 -1.52 -11.45 -26.69
N ILE B 177 -2.03 -10.71 -25.70
CA ILE B 177 -3.29 -10.96 -25.03
C ILE B 177 -4.42 -10.27 -25.76
N SER B 178 -5.39 -11.06 -26.25
CA SER B 178 -6.53 -10.52 -26.99
C SER B 178 -7.46 -9.67 -26.10
N PRO B 179 -8.15 -8.65 -26.68
CA PRO B 179 -9.10 -7.86 -25.87
C PRO B 179 -10.20 -8.70 -25.22
N GLU B 180 -10.57 -9.84 -25.85
CA GLU B 180 -11.58 -10.78 -25.34
C GLU B 180 -11.08 -11.45 -24.07
N VAL B 181 -9.82 -11.90 -24.07
CA VAL B 181 -9.16 -12.55 -22.94
C VAL B 181 -8.94 -11.54 -21.79
N SER B 182 -8.47 -10.32 -22.09
CA SER B 182 -8.28 -9.34 -21.02
C SER B 182 -9.65 -8.90 -20.42
N ALA B 183 -10.73 -8.91 -21.22
CA ALA B 183 -12.08 -8.56 -20.76
C ALA B 183 -12.55 -9.55 -19.68
N SER B 184 -12.14 -10.83 -19.79
CA SER B 184 -12.49 -11.87 -18.83
C SER B 184 -11.86 -11.64 -17.45
N PHE B 185 -10.80 -10.80 -17.36
CA PHE B 185 -10.22 -10.40 -16.07
C PHE B 185 -10.35 -8.88 -15.82
N GLY B 186 -11.32 -8.27 -16.48
CA GLY B 186 -11.67 -6.87 -16.31
C GLY B 186 -10.75 -5.80 -16.84
N VAL B 187 -9.85 -6.15 -17.77
CA VAL B 187 -8.95 -5.13 -18.34
C VAL B 187 -9.43 -4.78 -19.73
N GLN B 188 -9.83 -3.51 -19.93
CA GLN B 188 -10.29 -3.05 -21.23
C GLN B 188 -9.08 -2.64 -22.09
N GLN B 189 -8.83 -3.39 -23.16
CA GLN B 189 -7.74 -3.07 -24.06
C GLN B 189 -8.17 -2.07 -25.08
N LEU B 190 -7.33 -1.06 -25.28
CA LEU B 190 -7.55 0.01 -26.25
C LEU B 190 -6.23 0.23 -27.00
N PRO B 191 -6.25 0.87 -28.20
CA PRO B 191 -4.96 1.16 -28.87
C PRO B 191 -4.07 1.95 -27.92
N LEU B 192 -2.78 1.61 -27.87
CA LEU B 192 -1.78 2.22 -26.99
C LEU B 192 -1.88 3.76 -26.89
N GLU B 193 -2.06 4.46 -28.04
CA GLU B 193 -2.19 5.92 -28.09
C GLU B 193 -3.42 6.43 -27.32
N GLU B 194 -4.47 5.62 -27.23
CA GLU B 194 -5.68 6.03 -26.52
C GLU B 194 -5.50 5.86 -25.00
N ILE B 195 -4.63 4.93 -24.57
CA ILE B 195 -4.40 4.68 -23.14
C ILE B 195 -3.79 5.89 -22.39
N TRP B 196 -2.66 6.46 -22.91
CA TRP B 196 -1.92 7.56 -22.26
C TRP B 196 -2.77 8.72 -21.72
N PRO B 197 -3.68 9.35 -22.49
CA PRO B 197 -4.43 10.50 -21.95
C PRO B 197 -5.51 10.14 -20.92
N LEU B 198 -5.81 8.83 -20.77
CA LEU B 198 -6.87 8.39 -19.85
C LEU B 198 -6.39 8.04 -18.46
N CYS B 199 -5.10 7.68 -18.30
CA CYS B 199 -4.61 7.19 -17.02
C CYS B 199 -4.29 8.22 -15.97
N ASP B 200 -4.66 7.91 -14.73
CA ASP B 200 -4.26 8.64 -13.53
C ASP B 200 -3.00 7.94 -13.01
N PHE B 201 -2.93 6.60 -13.24
CA PHE B 201 -1.81 5.78 -12.82
C PHE B 201 -1.44 4.85 -13.98
N ILE B 202 -0.14 4.59 -14.17
CA ILE B 202 0.38 3.68 -15.19
C ILE B 202 1.35 2.72 -14.53
N THR B 203 1.22 1.42 -14.81
CA THR B 203 2.13 0.41 -14.28
C THR B 203 2.55 -0.47 -15.43
N VAL B 204 3.83 -0.83 -15.47
CA VAL B 204 4.40 -1.63 -16.55
C VAL B 204 4.71 -3.03 -16.06
N HIS B 205 4.34 -4.04 -16.86
CA HIS B 205 4.50 -5.48 -16.58
C HIS B 205 4.76 -6.23 -17.90
N THR B 206 5.81 -5.82 -18.60
CA THR B 206 6.24 -6.37 -19.88
C THR B 206 7.66 -6.93 -19.75
N PRO B 207 8.10 -7.81 -20.68
CA PRO B 207 9.53 -8.17 -20.68
C PRO B 207 10.29 -6.94 -21.19
N LEU B 208 11.61 -6.91 -20.99
CA LEU B 208 12.47 -5.84 -21.50
C LEU B 208 12.90 -6.28 -22.91
N LEU B 209 12.43 -5.56 -23.92
CA LEU B 209 12.64 -5.86 -25.35
C LEU B 209 12.96 -4.58 -26.13
N PRO B 210 13.44 -4.66 -27.41
CA PRO B 210 13.67 -3.41 -28.18
C PRO B 210 12.39 -2.54 -28.28
N SER B 211 11.22 -3.17 -28.35
CA SER B 211 9.91 -2.50 -28.42
C SER B 211 9.49 -1.88 -27.08
N THR B 212 10.01 -2.40 -25.96
CA THR B 212 9.61 -1.90 -24.63
C THR B 212 10.68 -1.07 -23.93
N THR B 213 11.89 -0.94 -24.53
CA THR B 213 12.93 -0.09 -23.95
C THR B 213 12.46 1.35 -24.14
N GLY B 214 12.24 2.04 -23.03
CA GLY B 214 11.75 3.41 -23.07
C GLY B 214 10.33 3.55 -23.58
N LEU B 215 9.46 2.55 -23.26
CA LEU B 215 8.02 2.53 -23.57
C LEU B 215 7.41 3.86 -23.09
N LEU B 216 7.81 4.32 -21.89
CA LEU B 216 7.46 5.62 -21.35
C LEU B 216 8.70 6.48 -21.59
N ASN B 217 8.58 7.46 -22.49
CA ASN B 217 9.67 8.33 -22.91
C ASN B 217 9.11 9.75 -22.97
N ASP B 218 9.87 10.73 -23.51
CA ASP B 218 9.39 12.13 -23.59
C ASP B 218 8.15 12.31 -24.45
N ASN B 219 8.03 11.50 -25.51
CA ASN B 219 6.90 11.52 -26.43
C ASN B 219 5.64 11.00 -25.73
N THR B 220 5.72 9.81 -25.11
CA THR B 220 4.54 9.22 -24.47
C THR B 220 4.23 9.93 -23.15
N PHE B 221 5.24 10.48 -22.42
CA PHE B 221 4.98 11.26 -21.20
C PHE B 221 4.13 12.50 -21.52
N ALA B 222 4.38 13.14 -22.66
CA ALA B 222 3.64 14.33 -23.12
C ALA B 222 2.18 14.02 -23.44
N GLN B 223 1.90 12.76 -23.79
CA GLN B 223 0.58 12.22 -24.15
C GLN B 223 -0.26 11.90 -22.92
N CYS B 224 0.38 11.74 -21.76
CA CYS B 224 -0.23 11.45 -20.46
C CYS B 224 -0.97 12.66 -19.92
N LYS B 225 -1.93 12.45 -19.01
CA LYS B 225 -2.59 13.60 -18.41
C LYS B 225 -1.65 14.19 -17.34
N LYS B 226 -1.67 15.52 -17.18
CA LYS B 226 -0.84 16.21 -16.20
C LYS B 226 -1.11 15.63 -14.80
N GLY B 227 -0.04 15.27 -14.09
CA GLY B 227 -0.14 14.71 -12.76
C GLY B 227 -0.20 13.19 -12.71
N VAL B 228 0.07 12.50 -13.83
CA VAL B 228 0.10 11.01 -13.86
C VAL B 228 1.12 10.45 -12.86
N ARG B 229 0.84 9.28 -12.28
CA ARG B 229 1.75 8.60 -11.39
C ARG B 229 2.19 7.32 -12.07
N VAL B 230 3.48 6.99 -11.97
CA VAL B 230 4.00 5.84 -12.72
C VAL B 230 4.65 4.84 -11.79
N VAL B 231 4.45 3.54 -12.07
CA VAL B 231 5.04 2.48 -11.28
C VAL B 231 5.84 1.57 -12.21
N ASN B 232 7.10 1.26 -11.84
CA ASN B 232 7.90 0.27 -12.55
C ASN B 232 8.48 -0.76 -11.57
N CYS B 233 7.80 -1.91 -11.46
CA CYS B 233 8.20 -3.07 -10.65
C CYS B 233 8.53 -4.24 -11.61
N ALA B 234 8.75 -3.94 -12.89
CA ALA B 234 9.03 -4.96 -13.90
C ALA B 234 10.54 -5.07 -14.21
N ARG B 235 11.06 -4.20 -15.11
CA ARG B 235 12.48 -4.24 -15.52
C ARG B 235 13.02 -2.84 -15.73
N GLY B 236 14.23 -2.59 -15.24
CA GLY B 236 14.85 -1.28 -15.37
C GLY B 236 15.04 -0.93 -16.83
N GLY B 237 14.59 0.27 -17.21
CA GLY B 237 14.69 0.71 -18.60
C GLY B 237 13.41 0.71 -19.41
N ILE B 238 12.32 0.06 -18.92
CA ILE B 238 11.03 0.09 -19.63
C ILE B 238 10.53 1.55 -19.58
N VAL B 239 10.75 2.21 -18.44
CA VAL B 239 10.45 3.62 -18.27
C VAL B 239 11.78 4.31 -18.49
N ASP B 240 11.87 5.20 -19.49
CA ASP B 240 13.12 5.94 -19.75
C ASP B 240 13.39 6.83 -18.52
N GLU B 241 14.51 6.54 -17.82
CA GLU B 241 14.89 7.22 -16.57
C GLU B 241 15.08 8.72 -16.72
N GLY B 242 15.73 9.13 -17.81
CA GLY B 242 15.95 10.54 -18.17
C GLY B 242 14.65 11.26 -18.44
N ALA B 243 13.75 10.60 -19.21
CA ALA B 243 12.42 11.16 -19.53
C ALA B 243 11.54 11.25 -18.27
N LEU B 244 11.59 10.23 -17.40
CA LEU B 244 10.85 10.23 -16.13
C LEU B 244 11.31 11.41 -15.24
N LEU B 245 12.63 11.64 -15.13
CA LEU B 245 13.14 12.76 -14.32
C LEU B 245 12.64 14.12 -14.82
N ARG B 246 12.66 14.36 -16.15
CA ARG B 246 12.16 15.59 -16.74
C ARG B 246 10.65 15.78 -16.45
N ALA B 247 9.88 14.68 -16.54
CA ALA B 247 8.43 14.68 -16.30
C ALA B 247 8.14 15.00 -14.82
N LEU B 248 8.96 14.44 -13.92
CA LEU B 248 8.84 14.72 -12.48
C LEU B 248 9.16 16.18 -12.19
N GLN B 249 10.25 16.71 -12.79
CA GLN B 249 10.67 18.11 -12.61
C GLN B 249 9.66 19.11 -13.19
N SER B 250 8.93 18.72 -14.26
CA SER B 250 7.95 19.62 -14.88
C SER B 250 6.56 19.57 -14.23
N GLY B 251 6.28 18.46 -13.55
CA GLY B 251 4.97 18.24 -12.95
C GLY B 251 4.08 17.41 -13.87
N GLN B 252 4.58 17.07 -15.09
CA GLN B 252 3.85 16.20 -16.03
C GLN B 252 3.59 14.85 -15.32
N CYS B 253 4.55 14.38 -14.51
CA CYS B 253 4.44 13.19 -13.67
C CYS B 253 4.43 13.66 -12.21
N ALA B 254 3.36 13.35 -11.45
CA ALA B 254 3.23 13.77 -10.05
C ALA B 254 4.01 12.89 -9.09
N GLY B 255 4.35 11.69 -9.51
CA GLY B 255 5.10 10.78 -8.65
C GLY B 255 5.41 9.48 -9.34
N ALA B 256 6.47 8.80 -8.88
CA ALA B 256 6.87 7.53 -9.47
C ALA B 256 7.35 6.57 -8.41
N ALA B 257 7.08 5.28 -8.62
CA ALA B 257 7.50 4.22 -7.71
C ALA B 257 8.36 3.28 -8.51
N LEU B 258 9.62 3.08 -8.06
CA LEU B 258 10.57 2.26 -8.78
C LEU B 258 11.20 1.16 -7.94
N ASP B 259 11.07 -0.08 -8.39
CA ASP B 259 11.69 -1.22 -7.72
C ASP B 259 12.93 -1.62 -8.50
N VAL B 260 12.99 -1.22 -9.78
CA VAL B 260 14.01 -1.62 -10.73
C VAL B 260 14.68 -0.43 -11.42
N PHE B 261 15.94 -0.65 -11.83
CA PHE B 261 16.79 0.41 -12.41
C PHE B 261 17.66 -0.15 -13.53
N THR B 262 18.10 0.74 -14.45
CA THR B 262 18.98 0.36 -15.57
C THR B 262 20.31 -0.13 -15.03
N GLU B 263 20.69 0.40 -13.86
CA GLU B 263 21.89 -0.01 -13.15
C GLU B 263 21.50 -0.30 -11.70
N GLU B 264 21.81 -1.51 -11.22
CA GLU B 264 21.47 -1.92 -9.85
C GLU B 264 22.70 -2.35 -9.00
N PRO B 265 22.99 -1.65 -7.89
CA PRO B 265 22.33 -0.44 -7.39
C PRO B 265 22.59 0.77 -8.30
N PRO B 266 21.67 1.75 -8.36
CA PRO B 266 21.90 2.90 -9.26
C PRO B 266 22.96 3.88 -8.76
N ARG B 267 23.93 4.22 -9.61
CA ARG B 267 24.99 5.18 -9.25
C ARG B 267 24.49 6.61 -9.48
N ASP B 268 23.58 6.79 -10.47
CA ASP B 268 22.91 8.05 -10.76
C ASP B 268 21.81 8.13 -9.70
N ARG B 269 21.84 9.16 -8.87
CA ARG B 269 20.92 9.30 -7.75
C ARG B 269 19.76 10.27 -7.97
N ALA B 270 19.71 10.95 -9.13
CA ALA B 270 18.67 11.94 -9.45
C ALA B 270 17.22 11.46 -9.20
N LEU B 271 16.83 10.26 -9.71
CA LEU B 271 15.47 9.74 -9.49
C LEU B 271 15.21 9.40 -8.03
N VAL B 272 16.06 8.54 -7.42
CA VAL B 272 15.91 8.10 -6.02
C VAL B 272 15.76 9.30 -5.06
N ASP B 273 16.55 10.34 -5.27
CA ASP B 273 16.57 11.54 -4.44
C ASP B 273 15.37 12.45 -4.62
N HIS B 274 14.63 12.33 -5.76
CA HIS B 274 13.47 13.17 -6.03
C HIS B 274 12.40 12.99 -4.96
N GLU B 275 11.86 14.12 -4.44
CA GLU B 275 10.84 14.13 -3.39
C GLU B 275 9.59 13.33 -3.74
N ASN B 276 9.24 13.27 -5.05
CA ASN B 276 8.05 12.56 -5.51
C ASN B 276 8.34 11.13 -5.93
N VAL B 277 9.54 10.65 -5.63
CA VAL B 277 9.90 9.28 -5.99
C VAL B 277 9.96 8.38 -4.76
N ILE B 278 9.35 7.20 -4.88
CA ILE B 278 9.43 6.19 -3.83
C ILE B 278 10.16 5.02 -4.46
N SER B 279 10.97 4.30 -3.68
CA SER B 279 11.78 3.22 -4.27
C SER B 279 12.11 2.11 -3.33
N CYS B 280 12.48 0.96 -3.90
CA CYS B 280 12.88 -0.23 -3.19
C CYS B 280 14.12 -0.83 -3.86
N PRO B 281 14.98 -1.52 -3.08
CA PRO B 281 16.15 -2.17 -3.70
C PRO B 281 15.80 -3.51 -4.37
N HIS B 282 15.02 -3.47 -5.49
CA HIS B 282 14.59 -4.66 -6.27
C HIS B 282 14.00 -5.77 -5.37
N LEU B 283 12.95 -5.41 -4.65
CA LEU B 283 12.25 -6.25 -3.67
C LEU B 283 11.05 -7.02 -4.22
N GLY B 284 10.81 -6.96 -5.53
CA GLY B 284 9.67 -7.61 -6.19
C GLY B 284 9.46 -9.08 -5.85
N ALA B 285 10.55 -9.83 -5.77
CA ALA B 285 10.53 -11.26 -5.47
C ALA B 285 10.94 -11.51 -4.01
N SER B 286 11.14 -10.44 -3.23
CA SER B 286 11.65 -10.56 -1.86
C SER B 286 10.59 -10.84 -0.78
N THR B 287 10.02 -12.06 -0.80
CA THR B 287 9.11 -12.55 0.24
C THR B 287 9.54 -13.97 0.57
N LYS B 288 9.28 -14.42 1.82
CA LYS B 288 9.61 -15.80 2.23
C LYS B 288 8.86 -16.80 1.38
N GLU B 289 7.64 -16.44 0.97
CA GLU B 289 6.74 -17.26 0.15
C GLU B 289 7.21 -17.40 -1.27
N ALA B 290 7.62 -16.28 -1.93
CA ALA B 290 8.13 -16.30 -3.31
C ALA B 290 9.44 -17.07 -3.40
N GLN B 291 10.33 -16.90 -2.40
CA GLN B 291 11.62 -17.60 -2.36
C GLN B 291 11.40 -19.11 -2.21
N SER B 292 10.44 -19.51 -1.36
CA SER B 292 10.09 -20.91 -1.13
C SER B 292 9.50 -21.53 -2.39
N ARG B 293 8.59 -20.81 -3.06
CA ARG B 293 7.98 -21.31 -4.31
C ARG B 293 9.00 -21.49 -5.43
N CYS B 294 9.93 -20.54 -5.61
CA CYS B 294 10.98 -20.63 -6.63
C CYS B 294 11.92 -21.80 -6.40
N GLY B 295 12.30 -22.03 -5.13
CA GLY B 295 13.17 -23.15 -4.75
C GLY B 295 12.49 -24.47 -5.05
N GLU B 296 11.17 -24.54 -4.78
CA GLU B 296 10.31 -25.69 -5.02
C GLU B 296 10.21 -25.93 -6.53
N GLU B 297 9.89 -24.87 -7.30
CA GLU B 297 9.75 -24.91 -8.76
C GLU B 297 11.03 -25.39 -9.48
N ILE B 298 12.21 -24.88 -9.08
CA ILE B 298 13.47 -25.27 -9.71
C ILE B 298 13.83 -26.73 -9.38
N ALA B 299 13.54 -27.17 -8.13
CA ALA B 299 13.80 -28.56 -7.71
C ALA B 299 12.94 -29.54 -8.49
N VAL B 300 11.65 -29.19 -8.74
CA VAL B 300 10.71 -30.02 -9.52
C VAL B 300 11.21 -30.13 -10.96
N GLN B 301 11.72 -29.02 -11.53
CA GLN B 301 12.31 -29.01 -12.89
C GLN B 301 13.54 -29.93 -12.97
N PHE B 302 14.43 -29.90 -11.95
CA PHE B 302 15.63 -30.76 -11.90
C PHE B 302 15.26 -32.24 -11.77
N VAL B 303 14.23 -32.54 -10.95
CA VAL B 303 13.75 -33.91 -10.73
C VAL B 303 13.04 -34.40 -12.01
N ASP B 304 12.33 -33.49 -12.71
CA ASP B 304 11.67 -33.83 -13.98
C ASP B 304 12.69 -34.17 -15.08
N MET B 305 13.89 -33.55 -15.02
CA MET B 305 15.00 -33.78 -15.94
C MET B 305 15.61 -35.19 -15.74
N VAL B 306 15.71 -35.68 -14.49
CA VAL B 306 16.27 -37.01 -14.19
C VAL B 306 15.31 -38.13 -14.65
S SO4 C . -9.71 18.23 7.55
O1 SO4 C . -8.62 18.97 8.18
O2 SO4 C . -10.91 18.33 8.36
O3 SO4 C . -9.34 16.82 7.43
O4 SO4 C . -9.98 18.77 6.22
N1 K5N D . -17.00 5.64 13.53
C4 K5N D . -17.63 3.28 13.48
C5 K5N D . -18.89 3.57 14.03
C6 K5N D . -19.73 2.54 14.45
C7 K5N D . -19.34 1.21 14.29
C8 K5N D . -20.25 0.11 14.75
C10 K5N D . -20.69 -0.71 13.54
C20 K5N D . -16.87 -2.55 18.70
C22 K5N D . -19.13 -0.20 20.06
C26 K5N D . -15.40 -3.94 20.16
C28 K5N D . -14.46 -5.38 17.94
C27 K5N D . -13.99 -5.67 19.22
C29 K5N D . -14.45 -4.95 20.31
C30 K5N D . -15.37 -4.34 17.77
C3 K5N D . -17.23 1.94 13.33
C2 K5N D . -18.09 0.92 13.74
C19 K5N D . -17.42 -2.09 17.47
C25 K5N D . -15.85 -3.62 18.88
C18 K5N D . -18.35 -1.12 17.84
C11 K5N D . -16.73 4.39 13.07
C23 K5N D . -19.19 -0.30 16.94
C14 K5N D . -16.15 7.09 11.34
N21 K5N D . -17.45 -1.91 19.67
N17 K5N D . -18.30 -1.06 19.21
N9 K5N D . -19.48 -0.73 15.69
O12 K5N D . -15.78 4.18 12.33
O24 K5N D . -19.62 0.77 17.33
O15 K5N D . -16.69 8.06 13.77
O16 K5N D . -14.76 6.53 13.55
S13 K5N D . -16.07 6.95 13.15
S SO4 E . 17.51 -12.98 -5.16
O1 SO4 E . 17.10 -11.96 -4.20
O2 SO4 E . 17.44 -12.44 -6.51
O3 SO4 E . 16.63 -14.14 -5.04
O4 SO4 E . 18.88 -13.36 -4.87
N1 K5N F . 7.63 -12.38 -17.68
C4 K5N F . 5.90 -11.26 -19.04
C5 K5N F . 5.91 -12.29 -19.99
C6 K5N F . 5.05 -12.26 -21.07
C7 K5N F . 4.15 -11.21 -21.21
C8 K5N F . 3.22 -11.19 -22.41
C10 K5N F . 1.78 -11.44 -21.95
C20 K5N F . 4.19 -5.94 -24.66
C22 K5N F . 5.76 -8.57 -26.48
C26 K5N F . 4.37 -3.53 -25.38
C28 K5N F . 2.28 -2.82 -23.67
C27 K5N F . 2.90 -1.85 -24.47
C29 K5N F . 3.94 -2.20 -25.30
C30 K5N F . 2.70 -4.14 -23.73
C3 K5N F . 4.99 -10.21 -19.20
C2 K5N F . 4.13 -10.18 -20.29
C19 K5N F . 3.84 -6.99 -23.80
C25 K5N F . 3.76 -4.50 -24.56
C18 K5N F . 4.45 -8.13 -24.34
C11 K5N F . 6.81 -11.31 -17.86
C23 K5N F . 4.41 -9.50 -23.77
C14 K5N F . 7.65 -12.87 -14.93
N21 K5N F . 4.89 -6.45 -25.63
N17 K5N F . 5.07 -7.72 -25.50
N9 K5N F . 3.34 -9.87 -23.05
O12 K5N F . 6.78 -10.40 -17.05
O24 K5N F . 5.36 -10.27 -23.93
O15 K5N F . 9.44 -13.69 -16.71
O16 K5N F . 9.28 -11.26 -16.28
S13 K5N F . 8.67 -12.54 -16.38
#